data_4RWP
#
_entry.id   4RWP
#
_cell.length_a   72.668
_cell.length_b   72.668
_cell.length_c   189.532
_cell.angle_alpha   90.00
_cell.angle_beta   90.00
_cell.angle_gamma   90.00
#
_symmetry.space_group_name_H-M   'P 43 21 2'
#
loop_
_entity.id
_entity.type
_entity.pdbx_description
1 polymer "2'-5'-oligoadenylate synthase 1"
2 polymer "RNA (5'-R(*GP*GP*CP*UP*UP*UP*UP*GP*AP*CP*CP*UP*UP*UP*AP*UP*GP*AP*A)-3')"
3 polymer "RNA (5'-R(*UP*UP*CP*AP*UP*AP*AP*AP*GP*GP*UP*CP*AP*AP*AP*AP*GP*CP*C)-3')"
4 water water
#
loop_
_entity_poly.entity_id
_entity_poly.type
_entity_poly.pdbx_seq_one_letter_code
_entity_poly.pdbx_strand_id
1 'polypeptide(L)'
;MELRHTPARDLDKFIEDHLLPNTCFRTQVKEAIDIVCRFLKERCFQGTADPVRVSKVVKGGSSGKGTTLRGRSDADLVVF
LTKLTSFEDQLRRRGEFIQEIRRQLEACQREQKFKVTFEVQSPRRENPRALSFVLSSPQLQQEVEFDVLPAFDALGQWTP
GYKPNPEIYVQLIKECKSRGKEGEFSTCFTELQRDFLRNRPTKLKSLIRLVKHWYQTCKKTHGNKLPPQYALELLTVYAW
EQGSRKTDFSTAQGFQTVLELVLKHQKLCIFWEAYYDFTNPVVGRCMLQQLKKPRPVILDPADPTGNVGGGDTHSWQRLA
QEARVWLGYPCCKNLDGSLVGAWTMLQKIGSHHHHHH
;
A
2 'polyribonucleotide' GGCUUUUGACCUUUAUGAA B
3 'polyribonucleotide' UUCAUAAAGGUCAAAAGCC C
#
loop_
_chem_comp.id
_chem_comp.type
_chem_comp.name
_chem_comp.formula
A RNA linking ADENOSINE-5'-MONOPHOSPHATE 'C10 H14 N5 O7 P'
C RNA linking CYTIDINE-5'-MONOPHOSPHATE 'C9 H14 N3 O8 P'
G RNA linking GUANOSINE-5'-MONOPHOSPHATE 'C10 H14 N5 O8 P'
U RNA linking URIDINE-5'-MONOPHOSPHATE 'C9 H13 N2 O9 P'
#
# COMPACT_ATOMS: atom_id res chain seq x y z
N MET A 1 12.09 21.51 14.39
CA MET A 1 11.36 21.31 13.14
C MET A 1 11.11 19.82 12.90
N GLU A 2 12.03 18.99 13.37
CA GLU A 2 11.87 17.54 13.28
C GLU A 2 10.65 17.10 14.08
N LEU A 3 10.10 15.94 13.74
CA LEU A 3 8.91 15.42 14.39
C LEU A 3 9.16 15.16 15.88
N ARG A 4 10.33 14.63 16.20
CA ARG A 4 10.65 14.26 17.58
C ARG A 4 10.79 15.48 18.48
N HIS A 5 11.01 16.65 17.88
CA HIS A 5 11.16 17.88 18.65
C HIS A 5 9.91 18.75 18.56
N THR A 6 8.92 18.27 17.82
CA THR A 6 7.66 18.99 17.64
C THR A 6 6.68 18.67 18.76
N PRO A 7 6.20 19.70 19.48
CA PRO A 7 5.21 19.49 20.54
C PRO A 7 3.87 19.02 19.98
N ALA A 8 3.12 18.28 20.77
CA ALA A 8 1.85 17.76 20.35
C ALA A 8 0.92 18.77 19.76
N ARG A 9 0.88 19.96 20.31
CA ARG A 9 -0.07 20.95 19.84
C ARG A 9 0.21 21.21 18.37
N ASP A 10 1.49 21.17 18.01
CA ASP A 10 1.94 21.63 16.72
C ASP A 10 2.02 20.51 15.68
N LEU A 11 1.40 19.38 15.93
CA LEU A 11 1.46 18.25 15.01
C LEU A 11 0.78 18.54 13.67
N ASP A 12 -0.39 19.18 13.73
CA ASP A 12 -1.12 19.54 12.52
C ASP A 12 -0.33 20.55 11.69
N LYS A 13 0.39 21.43 12.37
CA LYS A 13 1.25 22.41 11.68
C LYS A 13 2.40 21.71 10.98
N PHE A 14 2.95 20.68 11.64
CA PHE A 14 4.03 19.89 11.07
C PHE A 14 3.57 19.15 9.82
N ILE A 15 2.37 18.58 9.89
CA ILE A 15 1.79 17.84 8.79
C ILE A 15 1.54 18.76 7.59
N GLU A 16 1.04 19.95 7.87
CA GLU A 16 0.75 20.94 6.84
C GLU A 16 2.01 21.39 6.10
N ASP A 17 3.07 21.63 6.86
CA ASP A 17 4.29 22.22 6.30
C ASP A 17 5.26 21.20 5.71
N HIS A 18 5.15 19.94 6.12
CA HIS A 18 6.16 18.95 5.74
C HIS A 18 5.62 17.71 5.03
N LEU A 19 4.35 17.39 5.26
CA LEU A 19 3.82 16.10 4.80
C LEU A 19 2.81 16.19 3.68
N LEU A 20 1.92 17.18 3.73
CA LEU A 20 0.90 17.35 2.70
C LEU A 20 1.54 17.69 1.35
N PRO A 21 1.12 17.00 0.28
CA PRO A 21 1.70 17.12 -1.05
C PRO A 21 1.55 18.51 -1.67
N ASN A 22 2.49 18.88 -2.54
CA ASN A 22 2.47 20.16 -3.23
C ASN A 22 1.77 20.05 -4.57
N THR A 23 1.10 21.13 -4.99
CA THR A 23 0.32 21.14 -6.22
C THR A 23 1.17 20.87 -7.47
N CYS A 24 2.16 21.73 -7.71
CA CYS A 24 3.02 21.61 -8.88
C CYS A 24 3.76 20.28 -8.93
N PHE A 25 4.14 19.79 -7.75
CA PHE A 25 4.85 18.51 -7.66
C PHE A 25 3.93 17.36 -8.08
N ARG A 26 2.70 17.40 -7.61
CA ARG A 26 1.73 16.36 -7.89
C ARG A 26 1.34 16.31 -9.37
N THR A 27 1.23 17.47 -9.99
CA THR A 27 0.85 17.55 -11.41
C THR A 27 1.89 16.88 -12.29
N GLN A 28 3.16 16.98 -11.90
CA GLN A 28 4.26 16.35 -12.63
C GLN A 28 4.14 14.84 -12.58
N VAL A 29 3.85 14.31 -11.40
CA VAL A 29 3.70 12.87 -11.20
C VAL A 29 2.52 12.32 -12.01
N LYS A 30 1.42 13.06 -12.00
CA LYS A 30 0.21 12.63 -12.70
C LYS A 30 0.41 12.58 -14.22
N GLU A 31 1.17 13.53 -14.74
CA GLU A 31 1.47 13.55 -16.17
C GLU A 31 2.41 12.42 -16.53
N ALA A 32 3.36 12.14 -15.64
CA ALA A 32 4.28 11.02 -15.82
C ALA A 32 3.52 9.71 -15.84
N ILE A 33 2.52 9.61 -14.97
CA ILE A 33 1.67 8.43 -14.89
C ILE A 33 0.88 8.22 -16.19
N ASP A 34 0.34 9.33 -16.72
CA ASP A 34 -0.43 9.27 -17.95
C ASP A 34 0.45 8.86 -19.13
N ILE A 35 1.70 9.31 -19.11
CA ILE A 35 2.66 8.96 -20.16
C ILE A 35 2.92 7.45 -20.18
N VAL A 36 3.12 6.88 -18.99
CA VAL A 36 3.35 5.44 -18.86
C VAL A 36 2.09 4.64 -19.19
N CYS A 37 0.95 5.12 -18.71
CA CYS A 37 -0.33 4.47 -18.96
C CYS A 37 -0.64 4.41 -20.45
N ARG A 38 -0.42 5.52 -21.14
CA ARG A 38 -0.65 5.58 -22.58
C ARG A 38 0.36 4.72 -23.33
N PHE A 39 1.57 4.64 -22.81
CA PHE A 39 2.59 3.78 -23.39
C PHE A 39 2.15 2.32 -23.36
N LEU A 40 1.54 1.92 -22.24
CA LEU A 40 1.14 0.55 -22.03
C LEU A 40 -0.01 0.12 -22.93
N LYS A 41 -1.02 0.98 -23.07
CA LYS A 41 -2.24 0.61 -23.76
C LYS A 41 -2.26 1.00 -25.24
N GLU A 42 -1.37 1.90 -25.65
CA GLU A 42 -1.32 2.34 -27.04
C GLU A 42 -0.15 1.76 -27.80
N ARG A 43 0.92 1.40 -27.08
CA ARG A 43 2.16 0.96 -27.71
C ARG A 43 2.58 -0.45 -27.32
N CYS A 44 2.61 -0.72 -26.01
CA CYS A 44 3.14 -1.98 -25.51
C CYS A 44 2.27 -3.18 -25.85
N PHE A 45 0.98 -3.10 -25.54
CA PHE A 45 0.05 -4.18 -25.82
C PHE A 45 -1.05 -3.72 -26.77
N GLN A 46 -0.68 -3.43 -28.01
CA GLN A 46 -1.63 -2.86 -28.97
C GLN A 46 -1.41 -3.35 -30.39
N GLY A 47 -0.33 -4.12 -30.60
CA GLY A 47 -0.04 -4.67 -31.91
C GLY A 47 -1.17 -5.56 -32.42
N THR A 48 -1.47 -5.47 -33.70
CA THR A 48 -2.55 -6.24 -34.29
C THR A 48 -2.26 -7.74 -34.27
N ALA A 49 -0.98 -8.08 -34.24
CA ALA A 49 -0.56 -9.48 -34.14
C ALA A 49 -0.50 -9.91 -32.67
N ASP A 50 -0.68 -8.95 -31.77
CA ASP A 50 -0.64 -9.21 -30.34
C ASP A 50 -2.06 -9.38 -29.80
N PRO A 51 -2.37 -10.58 -29.27
CA PRO A 51 -3.69 -10.86 -28.72
C PRO A 51 -3.94 -10.20 -27.35
N VAL A 52 -2.88 -10.02 -26.57
CA VAL A 52 -2.99 -9.47 -25.24
C VAL A 52 -3.31 -7.98 -25.26
N ARG A 53 -4.26 -7.58 -24.44
CA ARG A 53 -4.63 -6.18 -24.31
C ARG A 53 -4.73 -5.72 -22.86
N VAL A 54 -4.71 -4.42 -22.65
CA VAL A 54 -4.79 -3.86 -21.30
C VAL A 54 -6.22 -3.47 -20.95
N SER A 55 -6.82 -4.21 -20.02
CA SER A 55 -8.17 -3.90 -19.56
C SER A 55 -8.17 -2.61 -18.75
N LYS A 56 -7.12 -2.42 -17.95
CA LYS A 56 -6.98 -1.25 -17.10
C LYS A 56 -5.60 -1.14 -16.48
N VAL A 57 -5.11 0.09 -16.36
CA VAL A 57 -3.90 0.36 -15.60
C VAL A 57 -4.28 1.07 -14.31
N VAL A 58 -4.12 0.38 -13.19
CA VAL A 58 -4.58 0.90 -11.90
C VAL A 58 -3.46 1.54 -11.09
N LYS A 59 -3.69 2.79 -10.67
CA LYS A 59 -2.75 3.48 -9.82
C LYS A 59 -2.88 3.00 -8.38
N GLY A 60 -1.85 2.29 -7.92
CA GLY A 60 -1.83 1.79 -6.55
C GLY A 60 -0.95 2.64 -5.66
N GLY A 61 -0.37 2.01 -4.64
CA GLY A 61 0.52 2.71 -3.72
C GLY A 61 -0.21 3.79 -2.94
N SER A 62 0.52 4.84 -2.57
CA SER A 62 -0.04 5.92 -1.77
C SER A 62 -0.82 6.90 -2.63
N SER A 63 -0.51 6.93 -3.92
CA SER A 63 -1.16 7.84 -4.86
C SER A 63 -2.62 7.45 -5.07
N GLY A 64 -2.90 6.15 -5.04
CA GLY A 64 -4.26 5.66 -5.19
C GLY A 64 -5.07 5.83 -3.91
N LYS A 65 -4.37 5.84 -2.77
CA LYS A 65 -5.01 5.96 -1.48
C LYS A 65 -5.25 7.42 -1.10
N GLY A 66 -4.47 8.31 -1.69
CA GLY A 66 -4.52 9.72 -1.34
C GLY A 66 -3.80 9.99 -0.04
N THR A 67 -2.76 9.20 0.22
CA THR A 67 -1.97 9.33 1.44
C THR A 67 -0.51 9.60 1.11
N THR A 68 -0.28 10.20 -0.06
CA THR A 68 1.07 10.48 -0.54
C THR A 68 1.77 11.52 0.34
N LEU A 69 3.05 11.28 0.63
CA LEU A 69 3.87 12.24 1.35
C LEU A 69 4.54 13.21 0.38
N ARG A 70 4.77 14.43 0.82
CA ARG A 70 5.35 15.48 -0.02
C ARG A 70 6.79 15.14 -0.42
N GLY A 71 7.11 15.37 -1.70
CA GLY A 71 8.44 15.17 -2.21
C GLY A 71 8.68 13.77 -2.75
N ARG A 72 7.63 12.94 -2.71
CA ARG A 72 7.72 11.58 -3.20
C ARG A 72 7.36 11.51 -4.68
N SER A 73 8.38 11.48 -5.54
CA SER A 73 8.16 11.42 -6.97
C SER A 73 8.21 9.98 -7.47
N ASP A 74 7.17 9.21 -7.13
CA ASP A 74 7.11 7.81 -7.54
C ASP A 74 5.65 7.37 -7.74
N ALA A 75 5.47 6.25 -8.43
CA ALA A 75 4.14 5.70 -8.67
C ALA A 75 4.18 4.19 -8.82
N ASP A 76 3.17 3.52 -8.30
CA ASP A 76 3.04 2.07 -8.43
C ASP A 76 1.85 1.72 -9.29
N LEU A 77 2.11 1.14 -10.46
CA LEU A 77 1.05 0.84 -11.41
C LEU A 77 0.83 -0.67 -11.56
N VAL A 78 -0.44 -1.06 -11.51
CA VAL A 78 -0.80 -2.45 -11.80
C VAL A 78 -1.48 -2.51 -13.17
N VAL A 79 -0.85 -3.17 -14.12
CA VAL A 79 -1.41 -3.30 -15.46
C VAL A 79 -2.10 -4.65 -15.63
N PHE A 80 -3.43 -4.62 -15.74
CA PHE A 80 -4.22 -5.83 -15.87
C PHE A 80 -4.36 -6.23 -17.33
N LEU A 81 -4.00 -7.48 -17.63
CA LEU A 81 -3.98 -7.96 -19.00
C LEU A 81 -5.15 -8.92 -19.28
N THR A 82 -5.72 -8.82 -20.48
CA THR A 82 -6.87 -9.61 -20.86
C THR A 82 -6.54 -11.09 -21.07
N LYS A 83 -5.25 -11.39 -21.19
CA LYS A 83 -4.82 -12.73 -21.53
C LYS A 83 -4.82 -13.70 -20.35
N LEU A 84 -4.41 -13.21 -19.18
CA LEU A 84 -4.35 -14.07 -17.99
C LEU A 84 -5.73 -14.63 -17.62
N THR A 85 -5.75 -15.93 -17.36
CA THR A 85 -7.01 -16.61 -17.07
C THR A 85 -7.15 -16.97 -15.60
N SER A 86 -6.02 -17.04 -14.89
CA SER A 86 -6.02 -17.41 -13.48
C SER A 86 -4.87 -16.74 -12.72
N PHE A 87 -4.81 -17.01 -11.42
CA PHE A 87 -3.73 -16.48 -10.59
C PHE A 87 -2.43 -17.20 -10.87
N GLU A 88 -2.52 -18.51 -11.11
CA GLU A 88 -1.36 -19.30 -11.48
C GLU A 88 -0.84 -18.88 -12.85
N ASP A 89 -1.75 -18.43 -13.71
CA ASP A 89 -1.38 -17.94 -15.03
C ASP A 89 -0.49 -16.71 -14.88
N GLN A 90 -0.84 -15.85 -13.93
CA GLN A 90 -0.05 -14.66 -13.63
C GLN A 90 1.31 -15.02 -13.04
N LEU A 91 1.32 -15.98 -12.12
CA LEU A 91 2.54 -16.36 -11.42
C LEU A 91 3.61 -16.91 -12.37
N ARG A 92 3.15 -17.49 -13.48
CA ARG A 92 4.06 -18.11 -14.45
C ARG A 92 4.53 -17.15 -15.54
N ARG A 93 3.62 -16.34 -16.04
CA ARG A 93 3.91 -15.51 -17.22
C ARG A 93 4.26 -14.06 -16.90
N ARG A 94 4.34 -13.74 -15.61
CA ARG A 94 4.65 -12.38 -15.21
C ARG A 94 6.04 -11.97 -15.60
N GLY A 95 6.95 -12.91 -15.55
CA GLY A 95 8.32 -12.66 -15.96
C GLY A 95 8.40 -12.44 -17.45
N GLU A 96 7.49 -13.07 -18.18
CA GLU A 96 7.42 -12.95 -19.63
C GLU A 96 6.93 -11.57 -20.06
N PHE A 97 5.86 -11.10 -19.39
CA PHE A 97 5.28 -9.80 -19.73
C PHE A 97 6.18 -8.65 -19.30
N ILE A 98 6.89 -8.83 -18.19
CA ILE A 98 7.84 -7.82 -17.71
C ILE A 98 8.97 -7.65 -18.73
N GLN A 99 9.41 -8.77 -19.30
CA GLN A 99 10.43 -8.74 -20.35
C GLN A 99 9.96 -7.95 -21.57
N GLU A 100 8.68 -8.15 -21.93
CA GLU A 100 8.10 -7.47 -23.08
C GLU A 100 7.98 -5.96 -22.84
N ILE A 101 7.52 -5.60 -21.65
CA ILE A 101 7.38 -4.20 -21.28
C ILE A 101 8.74 -3.50 -21.33
N ARG A 102 9.75 -4.16 -20.80
CA ARG A 102 11.10 -3.63 -20.80
C ARG A 102 11.62 -3.42 -22.21
N ARG A 103 11.30 -4.37 -23.10
CA ARG A 103 11.76 -4.33 -24.48
C ARG A 103 11.10 -3.17 -25.24
N GLN A 104 9.84 -2.90 -24.92
CA GLN A 104 9.12 -1.81 -25.57
C GLN A 104 9.56 -0.46 -25.03
N LEU A 105 9.90 -0.41 -23.76
CA LEU A 105 10.45 0.80 -23.14
C LEU A 105 11.77 1.17 -23.79
N GLU A 106 12.59 0.15 -24.07
CA GLU A 106 13.86 0.35 -24.74
C GLU A 106 13.65 0.87 -26.15
N ALA A 107 12.61 0.37 -26.81
CA ALA A 107 12.28 0.78 -28.16
C ALA A 107 11.88 2.25 -28.22
N CYS A 108 11.05 2.67 -27.29
CA CYS A 108 10.65 4.07 -27.20
C CYS A 108 11.84 4.96 -26.87
N GLN A 109 12.74 4.45 -26.04
CA GLN A 109 13.95 5.18 -25.69
C GLN A 109 14.83 5.35 -26.93
N ARG A 110 14.92 4.29 -27.73
CA ARG A 110 15.65 4.32 -28.99
C ARG A 110 15.05 5.37 -29.93
N GLU A 111 13.73 5.52 -29.87
CA GLU A 111 13.02 6.47 -30.71
C GLU A 111 13.01 7.86 -30.09
N GLN A 112 13.78 8.03 -29.02
CA GLN A 112 13.95 9.32 -28.35
C GLN A 112 12.64 9.89 -27.81
N LYS A 113 11.72 9.01 -27.45
CA LYS A 113 10.47 9.42 -26.82
C LYS A 113 10.73 9.93 -25.41
N PHE A 114 11.47 9.13 -24.64
CA PHE A 114 11.85 9.49 -23.28
C PHE A 114 13.06 8.69 -22.82
N LYS A 115 13.51 8.95 -21.60
CA LYS A 115 14.66 8.26 -21.02
C LYS A 115 14.24 7.43 -19.81
N VAL A 116 14.60 6.15 -19.82
CA VAL A 116 14.30 5.27 -18.69
C VAL A 116 15.57 4.63 -18.14
N THR A 117 15.66 4.57 -16.81
CA THR A 117 16.79 3.93 -16.14
C THR A 117 16.26 2.86 -15.18
N PHE A 118 16.58 1.60 -15.47
CA PHE A 118 16.04 0.48 -14.71
C PHE A 118 16.83 0.20 -13.44
N GLU A 119 16.11 -0.24 -12.40
CA GLU A 119 16.73 -0.62 -11.15
C GLU A 119 17.54 -1.89 -11.39
N VAL A 120 18.81 -1.88 -11.00
CA VAL A 120 19.67 -3.01 -11.31
C VAL A 120 19.66 -4.02 -10.17
N GLN A 121 18.99 -5.14 -10.43
CA GLN A 121 19.06 -6.35 -9.62
C GLN A 121 19.01 -6.16 -8.11
N SER A 122 18.14 -5.30 -7.62
CA SER A 122 17.89 -5.26 -6.17
C SER A 122 17.19 -6.57 -5.78
N PRO A 123 16.05 -6.90 -6.45
CA PRO A 123 15.63 -8.30 -6.30
C PRO A 123 16.41 -9.19 -7.27
N ARG A 124 16.59 -10.46 -6.91
CA ARG A 124 17.13 -11.46 -7.81
C ARG A 124 16.07 -11.83 -8.84
N ARG A 125 16.50 -12.09 -10.07
CA ARG A 125 15.55 -12.51 -11.10
C ARG A 125 14.95 -13.87 -10.77
N GLU A 126 13.64 -13.98 -10.90
CA GLU A 126 12.91 -15.24 -10.72
C GLU A 126 12.51 -15.46 -9.26
N ASN A 127 11.28 -15.12 -8.87
CA ASN A 127 10.22 -14.62 -9.73
C ASN A 127 9.96 -13.16 -9.37
N PRO A 128 10.03 -12.25 -10.34
CA PRO A 128 9.81 -10.83 -10.04
C PRO A 128 8.34 -10.45 -10.11
N ARG A 129 7.90 -9.52 -9.27
CA ARG A 129 6.53 -9.06 -9.34
C ARG A 129 6.41 -7.77 -10.15
N ALA A 130 7.50 -7.03 -10.22
CA ALA A 130 7.45 -5.72 -10.82
C ALA A 130 8.67 -5.34 -11.61
N LEU A 131 8.44 -4.52 -12.61
CA LEU A 131 9.48 -3.85 -13.34
C LEU A 131 9.71 -2.47 -12.77
N SER A 132 10.94 -2.19 -12.38
CA SER A 132 11.29 -0.95 -11.74
C SER A 132 12.15 -0.06 -12.58
N PHE A 133 11.79 1.20 -12.68
CA PHE A 133 12.56 2.12 -13.51
C PHE A 133 12.27 3.58 -13.16
N VAL A 134 13.20 4.45 -13.52
CA VAL A 134 13.01 5.89 -13.36
C VAL A 134 12.77 6.54 -14.72
N LEU A 135 11.72 7.34 -14.82
CA LEU A 135 11.36 7.95 -16.10
C LEU A 135 11.85 9.39 -16.21
N SER A 136 12.46 9.70 -17.35
CA SER A 136 12.87 11.07 -17.68
C SER A 136 12.23 11.50 -18.99
N SER A 137 11.39 12.53 -18.93
CA SER A 137 10.67 12.99 -20.11
C SER A 137 10.89 14.49 -20.34
N PRO A 138 11.05 14.88 -21.62
CA PRO A 138 11.20 16.30 -21.98
C PRO A 138 9.97 17.12 -21.63
N GLN A 139 8.82 16.46 -21.51
CA GLN A 139 7.58 17.13 -21.12
C GLN A 139 7.58 17.45 -19.63
N LEU A 140 8.30 16.64 -18.86
CA LEU A 140 8.31 16.76 -17.41
C LEU A 140 9.44 17.67 -16.92
N GLN A 141 9.27 18.19 -15.71
CA GLN A 141 10.27 19.06 -15.10
C GLN A 141 11.03 18.33 -14.00
N GLN A 142 10.63 17.08 -13.74
CA GLN A 142 11.28 16.25 -12.73
C GLN A 142 11.20 14.78 -13.12
N GLU A 143 12.08 13.98 -12.52
CA GLU A 143 12.08 12.54 -12.78
C GLU A 143 11.11 11.82 -11.85
N VAL A 144 10.49 10.76 -12.36
CA VAL A 144 9.51 10.01 -11.58
C VAL A 144 9.82 8.51 -11.60
N GLU A 145 9.88 7.90 -10.41
CA GLU A 145 10.16 6.48 -10.27
C GLU A 145 8.90 5.66 -10.51
N PHE A 146 9.06 4.48 -11.10
CA PHE A 146 7.91 3.63 -11.39
C PHE A 146 8.10 2.16 -11.01
N ASP A 147 7.05 1.58 -10.44
CA ASP A 147 6.95 0.14 -10.25
C ASP A 147 5.75 -0.35 -11.04
N VAL A 148 5.97 -1.26 -11.98
CA VAL A 148 4.89 -1.73 -12.85
C VAL A 148 4.68 -3.24 -12.70
N LEU A 149 3.46 -3.62 -12.33
CA LEU A 149 3.15 -5.01 -12.04
C LEU A 149 2.06 -5.57 -12.97
N PRO A 150 2.43 -6.55 -13.82
CA PRO A 150 1.46 -7.27 -14.65
C PRO A 150 0.60 -8.17 -13.79
N ALA A 151 -0.72 -8.17 -14.01
CA ALA A 151 -1.61 -8.93 -13.14
C ALA A 151 -2.85 -9.48 -13.85
N PHE A 152 -3.34 -10.60 -13.34
CA PHE A 152 -4.59 -11.19 -13.78
C PHE A 152 -5.75 -10.36 -13.24
N ASP A 153 -6.67 -9.98 -14.12
CA ASP A 153 -7.79 -9.14 -13.74
C ASP A 153 -8.86 -9.95 -13.00
N ALA A 154 -8.60 -10.22 -11.74
CA ALA A 154 -9.49 -11.05 -10.92
C ALA A 154 -10.85 -10.39 -10.71
N LEU A 155 -10.85 -9.09 -10.48
CA LEU A 155 -12.08 -8.36 -10.20
C LEU A 155 -12.89 -8.08 -11.46
N GLY A 156 -12.21 -8.00 -12.59
CA GLY A 156 -12.86 -7.57 -13.83
C GLY A 156 -13.31 -6.14 -13.67
N GLN A 157 -14.50 -5.83 -14.19
CA GLN A 157 -15.07 -4.50 -13.98
C GLN A 157 -15.71 -4.42 -12.59
N TRP A 158 -15.03 -3.76 -11.67
CA TRP A 158 -15.53 -3.61 -10.30
C TRP A 158 -15.86 -2.16 -9.98
N THR A 159 -17.06 -1.94 -9.44
CA THR A 159 -17.49 -0.60 -9.05
C THR A 159 -17.27 -0.38 -7.55
N PRO A 160 -16.51 0.67 -7.21
CA PRO A 160 -16.23 1.05 -5.82
C PRO A 160 -17.46 1.13 -4.93
N GLY A 161 -17.36 0.60 -3.72
CA GLY A 161 -18.46 0.62 -2.77
C GLY A 161 -19.24 -0.67 -2.72
N TYR A 162 -18.82 -1.65 -3.53
CA TYR A 162 -19.54 -2.91 -3.63
C TYR A 162 -18.65 -4.12 -3.34
N LYS A 163 -19.26 -5.17 -2.78
CA LYS A 163 -18.55 -6.40 -2.49
C LYS A 163 -18.33 -7.22 -3.77
N PRO A 164 -17.10 -7.69 -3.96
CA PRO A 164 -16.81 -8.62 -5.07
C PRO A 164 -17.56 -9.92 -4.88
N ASN A 165 -17.88 -10.61 -5.97
CA ASN A 165 -18.50 -11.92 -5.86
C ASN A 165 -17.53 -12.88 -5.19
N PRO A 166 -17.95 -13.52 -4.09
CA PRO A 166 -17.05 -14.35 -3.28
C PRO A 166 -16.39 -15.49 -4.05
N GLU A 167 -16.93 -15.83 -5.23
CA GLU A 167 -16.37 -16.92 -6.03
C GLU A 167 -14.95 -16.64 -6.50
N ILE A 168 -14.59 -15.37 -6.58
CA ILE A 168 -13.22 -14.99 -6.93
C ILE A 168 -12.29 -15.25 -5.76
N TYR A 169 -12.84 -15.21 -4.56
CA TYR A 169 -12.08 -15.45 -3.37
C TYR A 169 -11.88 -16.94 -3.12
N VAL A 170 -12.88 -17.73 -3.45
CA VAL A 170 -12.76 -19.16 -3.45
C VAL A 170 -11.67 -19.63 -4.40
N GLN A 171 -11.67 -19.08 -5.60
CA GLN A 171 -10.68 -19.35 -6.60
C GLN A 171 -9.31 -18.98 -6.05
N LEU A 172 -9.20 -17.83 -5.41
CA LEU A 172 -7.93 -17.35 -4.87
C LEU A 172 -7.40 -18.27 -3.77
N ILE A 173 -8.26 -18.61 -2.82
CA ILE A 173 -7.90 -19.46 -1.70
C ILE A 173 -7.42 -20.84 -2.16
N LYS A 174 -8.10 -21.40 -3.15
CA LYS A 174 -7.73 -22.70 -3.70
C LYS A 174 -6.35 -22.67 -4.33
N GLU A 175 -6.11 -21.68 -5.18
CA GLU A 175 -4.83 -21.57 -5.88
C GLU A 175 -3.69 -21.18 -4.94
N CYS A 176 -3.98 -20.34 -3.96
CA CYS A 176 -2.96 -19.87 -3.04
C CYS A 176 -2.42 -20.99 -2.16
N LYS A 177 -3.30 -21.62 -1.40
CA LYS A 177 -2.90 -22.61 -0.40
C LYS A 177 -2.63 -23.97 -1.00
N SER A 178 -2.63 -24.04 -2.33
CA SER A 178 -2.22 -25.25 -3.02
C SER A 178 -0.70 -25.23 -3.24
N ARG A 179 -0.15 -24.02 -3.35
CA ARG A 179 1.26 -23.85 -3.60
C ARG A 179 1.93 -22.96 -2.56
N GLY A 180 1.22 -22.72 -1.46
CA GLY A 180 1.75 -21.93 -0.36
C GLY A 180 2.08 -20.50 -0.72
N LYS A 181 1.24 -19.89 -1.55
CA LYS A 181 1.44 -18.51 -1.98
C LYS A 181 0.42 -17.58 -1.34
N GLU A 182 0.30 -17.64 -0.02
CA GLU A 182 -0.64 -16.78 0.69
C GLU A 182 -0.23 -15.31 0.60
N GLY A 183 -1.15 -14.48 0.12
CA GLY A 183 -0.91 -13.05 0.01
C GLY A 183 -0.10 -12.67 -1.22
N GLU A 184 0.18 -13.65 -2.07
CA GLU A 184 1.00 -13.43 -3.26
C GLU A 184 0.27 -12.59 -4.30
N PHE A 185 -1.04 -12.71 -4.36
CA PHE A 185 -1.83 -12.06 -5.40
C PHE A 185 -2.71 -10.92 -4.87
N SER A 186 -2.25 -10.28 -3.80
CA SER A 186 -2.98 -9.15 -3.23
C SER A 186 -3.01 -7.97 -4.20
N THR A 187 -2.02 -7.93 -5.09
CA THR A 187 -1.92 -6.88 -6.09
C THR A 187 -3.09 -6.88 -7.06
N CYS A 188 -3.74 -8.04 -7.18
CA CYS A 188 -4.91 -8.17 -8.05
C CYS A 188 -6.11 -7.41 -7.48
N PHE A 189 -6.06 -7.13 -6.19
CA PHE A 189 -7.14 -6.46 -5.49
C PHE A 189 -6.72 -5.07 -5.02
N THR A 190 -5.80 -4.47 -5.76
CA THR A 190 -5.30 -3.13 -5.47
C THR A 190 -6.44 -2.11 -5.37
N GLU A 191 -7.43 -2.25 -6.24
CA GLU A 191 -8.57 -1.35 -6.27
C GLU A 191 -9.36 -1.39 -4.96
N LEU A 192 -9.43 -2.56 -4.33
CA LEU A 192 -10.11 -2.69 -3.05
C LEU A 192 -9.31 -2.02 -1.94
N GLN A 193 -7.99 -2.16 -2.01
CA GLN A 193 -7.09 -1.63 -0.99
C GLN A 193 -7.15 -0.11 -0.91
N ARG A 194 -7.17 0.55 -2.07
CA ARG A 194 -7.24 2.01 -2.10
C ARG A 194 -8.66 2.49 -1.81
N ASP A 195 -9.65 1.66 -2.14
CA ASP A 195 -11.04 2.00 -1.89
C ASP A 195 -11.33 1.99 -0.39
N PHE A 196 -10.57 1.18 0.34
CA PHE A 196 -10.71 1.06 1.78
C PHE A 196 -10.27 2.35 2.47
N LEU A 197 -9.48 3.15 1.78
CA LEU A 197 -8.91 4.37 2.35
C LEU A 197 -9.46 5.64 1.71
N ARG A 198 -10.07 5.53 0.55
CA ARG A 198 -10.43 6.68 -0.26
C ARG A 198 -11.42 7.58 0.41
N ASN A 199 -12.41 7.04 1.05
CA ASN A 199 -13.54 7.82 1.54
C ASN A 199 -13.45 8.16 3.03
N ARG A 200 -12.28 7.90 3.61
CA ARG A 200 -12.03 8.23 5.01
C ARG A 200 -11.99 9.74 5.22
N PRO A 201 -12.34 10.20 6.43
CA PRO A 201 -12.24 11.63 6.77
C PRO A 201 -10.85 12.20 6.50
N THR A 202 -10.79 13.45 6.08
CA THR A 202 -9.55 14.09 5.67
C THR A 202 -8.46 14.01 6.75
N LYS A 203 -8.86 14.18 7.99
CA LYS A 203 -7.91 14.22 9.10
C LYS A 203 -7.35 12.84 9.42
N LEU A 204 -8.11 11.80 9.12
CA LEU A 204 -7.64 10.43 9.31
C LEU A 204 -6.51 10.14 8.32
N LYS A 205 -6.65 10.66 7.11
CA LYS A 205 -5.62 10.52 6.08
C LYS A 205 -4.36 11.27 6.48
N SER A 206 -4.53 12.42 7.12
CA SER A 206 -3.41 13.23 7.59
C SER A 206 -2.67 12.51 8.71
N LEU A 207 -3.43 11.79 9.53
CA LEU A 207 -2.85 11.00 10.61
C LEU A 207 -2.05 9.82 10.05
N ILE A 208 -2.59 9.21 9.00
CA ILE A 208 -1.92 8.14 8.30
C ILE A 208 -0.59 8.63 7.74
N ARG A 209 -0.61 9.84 7.19
CA ARG A 209 0.61 10.48 6.69
C ARG A 209 1.65 10.65 7.80
N LEU A 210 1.18 11.06 8.97
CA LEU A 210 2.06 11.26 10.12
C LEU A 210 2.65 9.93 10.59
N VAL A 211 1.81 8.90 10.67
CA VAL A 211 2.25 7.57 11.08
C VAL A 211 3.25 7.00 10.08
N LYS A 212 2.98 7.19 8.79
CA LYS A 212 3.88 6.75 7.74
C LYS A 212 5.24 7.43 7.86
N HIS A 213 5.22 8.73 8.16
CA HIS A 213 6.45 9.49 8.32
C HIS A 213 7.27 8.96 9.50
N TRP A 214 6.60 8.65 10.59
CA TRP A 214 7.25 8.08 11.76
C TRP A 214 7.83 6.71 11.42
N TYR A 215 7.06 5.93 10.67
CA TYR A 215 7.48 4.60 10.24
C TYR A 215 8.77 4.66 9.43
N GLN A 216 8.80 5.56 8.45
CA GLN A 216 9.94 5.70 7.57
C GLN A 216 11.17 6.24 8.31
N THR A 217 10.93 6.99 9.37
CA THR A 217 12.02 7.47 10.21
C THR A 217 12.67 6.29 10.92
N CYS A 218 11.83 5.40 11.45
CA CYS A 218 12.32 4.17 12.09
C CYS A 218 13.00 3.27 11.07
N LYS A 219 12.52 3.35 9.82
CA LYS A 219 13.04 2.52 8.73
C LYS A 219 14.48 2.89 8.39
N LYS A 220 14.90 4.09 8.78
CA LYS A 220 16.27 4.52 8.54
C LYS A 220 17.21 4.01 9.62
N THR A 221 16.65 3.35 10.62
CA THR A 221 17.44 2.74 11.68
C THR A 221 17.48 1.22 11.50
N HIS A 222 16.32 0.64 11.22
CA HIS A 222 16.19 -0.81 11.17
C HIS A 222 16.20 -1.36 9.74
N GLY A 223 15.85 -0.52 8.78
CA GLY A 223 15.81 -0.94 7.39
C GLY A 223 14.53 -1.71 7.09
N ASN A 224 14.66 -2.82 6.39
CA ASN A 224 13.50 -3.61 5.98
C ASN A 224 13.20 -4.79 6.91
N LYS A 225 13.50 -4.62 8.20
CA LYS A 225 13.15 -5.65 9.18
C LYS A 225 12.09 -5.11 10.13
N LEU A 226 11.24 -4.22 9.61
CA LEU A 226 10.05 -3.75 10.30
C LEU A 226 8.84 -4.41 9.67
N PRO A 227 7.67 -4.36 10.36
CA PRO A 227 6.45 -4.84 9.71
C PRO A 227 6.12 -4.00 8.47
N PRO A 228 5.31 -4.53 7.55
CA PRO A 228 4.92 -3.76 6.36
C PRO A 228 4.28 -2.43 6.72
N GLN A 229 4.55 -1.38 5.95
CA GLN A 229 3.99 -0.06 6.21
C GLN A 229 2.48 -0.10 6.13
N TYR A 230 1.97 -0.96 5.25
CA TYR A 230 0.53 -1.14 5.06
C TYR A 230 -0.16 -1.60 6.33
N ALA A 231 0.58 -2.33 7.17
CA ALA A 231 0.06 -2.80 8.45
C ALA A 231 -0.22 -1.63 9.39
N LEU A 232 0.67 -0.64 9.34
CA LEU A 232 0.54 0.55 10.18
C LEU A 232 -0.63 1.41 9.72
N GLU A 233 -0.89 1.41 8.41
CA GLU A 233 -2.01 2.14 7.85
C GLU A 233 -3.34 1.54 8.30
N LEU A 234 -3.41 0.21 8.27
CA LEU A 234 -4.59 -0.50 8.73
C LEU A 234 -4.79 -0.34 10.22
N LEU A 235 -3.69 -0.34 10.96
CA LEU A 235 -3.73 -0.18 12.41
C LEU A 235 -4.25 1.21 12.78
N THR A 236 -3.88 2.21 12.00
CA THR A 236 -4.33 3.58 12.21
C THR A 236 -5.83 3.70 11.96
N VAL A 237 -6.30 3.05 10.90
CA VAL A 237 -7.73 3.04 10.58
C VAL A 237 -8.51 2.35 11.69
N TYR A 238 -7.98 1.23 12.17
CA TYR A 238 -8.59 0.46 13.24
C TYR A 238 -8.74 1.30 14.51
N ALA A 239 -7.69 2.05 14.85
CA ALA A 239 -7.70 2.89 16.04
C ALA A 239 -8.80 3.94 15.98
N TRP A 240 -8.97 4.55 14.82
CA TRP A 240 -9.97 5.59 14.63
C TRP A 240 -11.39 5.04 14.67
N GLU A 241 -11.58 3.86 14.09
CA GLU A 241 -12.89 3.21 14.06
C GLU A 241 -13.33 2.77 15.45
N GLN A 242 -12.36 2.37 16.28
CA GLN A 242 -12.68 1.83 17.59
C GLN A 242 -12.70 2.89 18.69
N GLY A 243 -11.89 3.94 18.50
CA GLY A 243 -11.73 4.95 19.52
C GLY A 243 -12.18 6.37 19.21
N SER A 244 -12.55 6.66 17.98
CA SER A 244 -12.96 8.03 17.63
C SER A 244 -14.21 8.11 16.77
N ARG A 245 -14.07 7.76 15.50
CA ARG A 245 -15.19 7.76 14.57
C ARG A 245 -15.67 9.18 14.24
N LYS A 246 -14.81 10.16 14.45
CA LYS A 246 -15.17 11.55 14.20
C LYS A 246 -14.29 12.20 13.14
N THR A 247 -14.86 13.14 12.38
CA THR A 247 -14.10 13.89 11.40
C THR A 247 -13.04 14.71 12.10
N ASP A 248 -13.39 15.25 13.26
CA ASP A 248 -12.47 16.09 14.01
C ASP A 248 -12.00 15.39 15.28
N PHE A 249 -10.69 15.24 15.42
CA PHE A 249 -10.10 14.60 16.59
C PHE A 249 -8.71 15.17 16.85
N SER A 250 -8.16 14.88 18.03
CA SER A 250 -6.80 15.27 18.34
C SER A 250 -5.81 14.40 17.56
N THR A 251 -4.99 15.05 16.74
CA THR A 251 -3.98 14.34 15.97
C THR A 251 -2.99 13.64 16.90
N ALA A 252 -2.64 14.32 17.99
CA ALA A 252 -1.71 13.80 18.97
C ALA A 252 -2.25 12.56 19.66
N GLN A 253 -3.54 12.59 20.01
CA GLN A 253 -4.17 11.46 20.69
C GLN A 253 -4.25 10.25 19.77
N GLY A 254 -4.50 10.48 18.49
CA GLY A 254 -4.53 9.42 17.51
C GLY A 254 -3.15 8.81 17.35
N PHE A 255 -2.14 9.67 17.35
CA PHE A 255 -0.76 9.23 17.20
C PHE A 255 -0.30 8.38 18.37
N GLN A 256 -0.65 8.80 19.59
CA GLN A 256 -0.29 8.06 20.78
C GLN A 256 -1.04 6.73 20.85
N THR A 257 -2.26 6.73 20.32
CA THR A 257 -3.09 5.53 20.31
C THR A 257 -2.46 4.44 19.46
N VAL A 258 -1.97 4.82 18.28
CA VAL A 258 -1.31 3.89 17.38
C VAL A 258 -0.04 3.34 18.01
N LEU A 259 0.74 4.22 18.62
CA LEU A 259 1.98 3.83 19.30
C LEU A 259 1.72 2.81 20.39
N GLU A 260 0.66 3.04 21.17
CA GLU A 260 0.29 2.12 22.25
C GLU A 260 -0.21 0.79 21.70
N LEU A 261 -0.87 0.84 20.54
CA LEU A 261 -1.35 -0.37 19.88
C LEU A 261 -0.17 -1.21 19.38
N VAL A 262 0.87 -0.52 18.95
CA VAL A 262 2.11 -1.19 18.54
C VAL A 262 2.72 -1.93 19.73
N LEU A 263 2.66 -1.30 20.90
CA LEU A 263 3.15 -1.89 22.14
C LEU A 263 2.32 -3.10 22.53
N LYS A 264 1.02 -3.06 22.26
CA LYS A 264 0.10 -4.13 22.61
C LYS A 264 -0.13 -5.09 21.44
N HIS A 265 0.88 -5.26 20.59
CA HIS A 265 0.73 -6.04 19.36
C HIS A 265 0.47 -7.53 19.63
N GLN A 266 0.79 -7.98 20.83
CA GLN A 266 0.57 -9.38 21.20
C GLN A 266 -0.90 -9.72 21.36
N LYS A 267 -1.75 -8.69 21.36
CA LYS A 267 -3.17 -8.89 21.55
C LYS A 267 -4.01 -8.33 20.41
N LEU A 268 -3.35 -8.06 19.28
CA LEU A 268 -4.02 -7.52 18.11
C LEU A 268 -4.55 -8.60 17.19
N CYS A 269 -5.87 -8.65 17.05
CA CYS A 269 -6.51 -9.52 16.07
C CYS A 269 -7.49 -8.67 15.25
N ILE A 270 -7.01 -8.12 14.15
CA ILE A 270 -7.78 -7.13 13.40
C ILE A 270 -8.19 -7.62 12.02
N PHE A 271 -9.47 -7.45 11.70
CA PHE A 271 -10.00 -7.80 10.38
C PHE A 271 -11.28 -7.04 10.08
N TRP A 272 -11.63 -7.00 8.80
CA TRP A 272 -12.88 -6.35 8.37
C TRP A 272 -13.70 -7.29 7.49
N GLU A 273 -14.98 -7.00 7.39
CA GLU A 273 -15.85 -7.71 6.45
C GLU A 273 -16.34 -6.74 5.38
N ALA A 274 -15.42 -5.93 4.88
CA ALA A 274 -15.76 -4.89 3.92
C ALA A 274 -15.95 -5.45 2.51
N TYR A 275 -15.13 -6.42 2.14
CA TYR A 275 -15.16 -6.96 0.78
C TYR A 275 -15.40 -8.46 0.76
N TYR A 276 -15.31 -9.10 1.92
CA TYR A 276 -15.67 -10.51 2.06
C TYR A 276 -16.27 -10.75 3.44
N ASP A 277 -16.82 -11.95 3.67
CA ASP A 277 -17.40 -12.28 4.96
C ASP A 277 -17.52 -13.78 5.18
N PHE A 278 -18.16 -14.17 6.28
CA PHE A 278 -18.26 -15.57 6.67
C PHE A 278 -19.36 -16.33 5.95
N THR A 279 -20.14 -15.64 5.12
CA THR A 279 -21.29 -16.25 4.45
C THR A 279 -20.88 -17.43 3.56
N ASN A 280 -19.82 -17.25 2.79
CA ASN A 280 -19.28 -18.35 2.00
C ASN A 280 -18.41 -19.25 2.87
N PRO A 281 -18.71 -20.55 2.87
CA PRO A 281 -18.08 -21.54 3.76
C PRO A 281 -16.55 -21.61 3.65
N VAL A 282 -16.05 -21.63 2.43
CA VAL A 282 -14.65 -21.71 2.11
C VAL A 282 -13.92 -20.44 2.52
N VAL A 283 -14.54 -19.32 2.24
CA VAL A 283 -14.00 -18.01 2.56
C VAL A 283 -14.00 -17.79 4.07
N GLY A 284 -15.13 -18.12 4.70
CA GLY A 284 -15.26 -17.99 6.14
C GLY A 284 -14.30 -18.88 6.89
N ARG A 285 -14.04 -20.05 6.34
CA ARG A 285 -13.10 -20.99 6.95
C ARG A 285 -11.67 -20.45 6.88
N CYS A 286 -11.34 -19.82 5.75
CA CYS A 286 -10.04 -19.20 5.58
C CYS A 286 -9.84 -18.08 6.58
N MET A 287 -10.89 -17.28 6.79
CA MET A 287 -10.86 -16.18 7.74
C MET A 287 -10.60 -16.70 9.15
N LEU A 288 -11.31 -17.75 9.53
CA LEU A 288 -11.18 -18.34 10.86
C LEU A 288 -9.78 -18.87 11.12
N GLN A 289 -9.19 -19.50 10.10
CA GLN A 289 -7.82 -19.99 10.20
C GLN A 289 -6.84 -18.87 10.49
N GLN A 290 -7.07 -17.72 9.86
CA GLN A 290 -6.21 -16.56 10.03
C GLN A 290 -6.30 -15.99 11.45
N LEU A 291 -7.51 -16.00 12.00
CA LEU A 291 -7.75 -15.44 13.33
C LEU A 291 -7.22 -16.36 14.43
N LYS A 292 -6.80 -17.56 14.05
CA LYS A 292 -6.26 -18.52 15.01
C LYS A 292 -4.73 -18.53 14.99
N LYS A 293 -4.14 -17.59 14.26
CA LYS A 293 -2.69 -17.51 14.13
C LYS A 293 -2.07 -16.66 15.25
N PRO A 294 -0.76 -16.87 15.53
CA PRO A 294 -0.04 -16.06 16.50
C PRO A 294 -0.13 -14.56 16.21
N ARG A 295 -0.29 -13.78 17.28
CA ARG A 295 -0.47 -12.33 17.15
C ARG A 295 0.84 -11.63 16.80
N PRO A 296 0.76 -10.46 16.14
CA PRO A 296 -0.47 -9.76 15.74
C PRO A 296 -1.09 -10.30 14.45
N VAL A 297 -2.42 -10.35 14.42
CA VAL A 297 -3.14 -10.72 13.22
C VAL A 297 -3.82 -9.48 12.64
N ILE A 298 -3.37 -9.05 11.47
CA ILE A 298 -4.00 -7.93 10.78
C ILE A 298 -4.34 -8.35 9.36
N LEU A 299 -5.60 -8.76 9.16
CA LEU A 299 -6.02 -9.31 7.88
C LEU A 299 -6.32 -8.22 6.86
N ASP A 300 -5.70 -8.32 5.70
CA ASP A 300 -5.96 -7.42 4.58
C ASP A 300 -7.44 -7.45 4.21
N PRO A 301 -8.13 -6.30 4.31
CA PRO A 301 -9.54 -6.20 3.95
C PRO A 301 -9.82 -6.57 2.49
N ALA A 302 -8.78 -6.58 1.66
CA ALA A 302 -8.93 -6.87 0.25
C ALA A 302 -8.55 -8.30 -0.09
N ASP A 303 -7.86 -8.96 0.83
CA ASP A 303 -7.34 -10.31 0.61
C ASP A 303 -7.38 -11.12 1.91
N PRO A 304 -8.28 -12.09 1.99
CA PRO A 304 -8.43 -12.92 3.19
C PRO A 304 -7.24 -13.85 3.42
N THR A 305 -6.41 -14.04 2.42
CA THR A 305 -5.24 -14.85 2.54
C THR A 305 -4.03 -14.06 3.00
N GLY A 306 -4.17 -12.78 3.16
CA GLY A 306 -3.08 -11.96 3.57
C GLY A 306 -3.11 -11.35 4.96
N ASN A 307 -2.25 -11.88 5.81
CA ASN A 307 -1.99 -11.27 7.10
C ASN A 307 -0.82 -10.31 7.05
N VAL A 308 -1.14 -9.04 7.07
CA VAL A 308 -0.21 -7.96 6.94
C VAL A 308 0.69 -7.86 8.17
N GLY A 309 0.30 -8.49 9.24
CA GLY A 309 1.11 -8.57 10.41
C GLY A 309 2.47 -9.11 10.07
N GLY A 310 2.55 -10.02 9.11
CA GLY A 310 3.82 -10.48 8.62
C GLY A 310 4.27 -11.83 9.16
N GLY A 311 3.75 -12.21 10.33
CA GLY A 311 4.16 -13.44 10.95
C GLY A 311 5.61 -13.39 11.40
N ASP A 312 6.05 -12.20 11.82
CA ASP A 312 7.41 -12.00 12.29
C ASP A 312 7.40 -11.13 13.54
N THR A 313 7.46 -11.77 14.69
CA THR A 313 7.40 -11.07 15.98
C THR A 313 8.64 -10.22 16.23
N HIS A 314 9.75 -10.60 15.60
CA HIS A 314 10.99 -9.84 15.74
C HIS A 314 10.86 -8.44 15.14
N SER A 315 10.16 -8.34 14.01
CA SER A 315 9.93 -7.05 13.38
C SER A 315 9.05 -6.17 14.25
N TRP A 316 8.05 -6.77 14.89
CA TRP A 316 7.15 -6.04 15.77
C TRP A 316 7.83 -5.69 17.09
N GLN A 317 8.84 -6.48 17.46
CA GLN A 317 9.62 -6.20 18.66
C GLN A 317 10.44 -4.93 18.46
N ARG A 318 11.05 -4.82 17.27
CA ARG A 318 11.87 -3.67 16.93
C ARG A 318 11.05 -2.39 16.80
N LEU A 319 9.80 -2.54 16.35
CA LEU A 319 8.91 -1.40 16.19
C LEU A 319 8.35 -0.97 17.54
N ALA A 320 8.12 -1.94 18.41
CA ALA A 320 7.59 -1.67 19.75
C ALA A 320 8.60 -0.91 20.58
N GLN A 321 9.88 -1.19 20.35
CA GLN A 321 10.95 -0.52 21.09
C GLN A 321 11.09 0.93 20.66
N GLU A 322 10.82 1.20 19.39
CA GLU A 322 10.78 2.57 18.89
C GLU A 322 9.55 3.27 19.44
N ALA A 323 8.45 2.54 19.53
CA ALA A 323 7.18 3.08 20.02
C ALA A 323 7.29 3.54 21.46
N ARG A 324 7.99 2.77 22.28
CA ARG A 324 8.15 3.11 23.70
C ARG A 324 9.04 4.34 23.88
N VAL A 325 10.07 4.45 23.06
CA VAL A 325 10.97 5.60 23.08
C VAL A 325 10.24 6.87 22.67
N TRP A 326 9.51 6.79 21.56
CA TRP A 326 8.80 7.95 21.01
C TRP A 326 7.67 8.45 21.91
N LEU A 327 7.21 7.59 22.83
CA LEU A 327 6.18 7.99 23.77
C LEU A 327 6.72 8.98 24.80
N GLY A 328 8.05 9.10 24.86
CA GLY A 328 8.68 10.04 25.77
C GLY A 328 9.05 11.33 25.08
N TYR A 329 8.78 11.41 23.78
CA TYR A 329 9.08 12.59 22.99
C TYR A 329 7.96 13.63 23.11
N PRO A 330 8.30 14.92 22.90
CA PRO A 330 7.35 16.04 22.97
C PRO A 330 6.10 15.88 22.09
N CYS A 331 6.20 15.09 21.02
CA CYS A 331 5.09 14.93 20.08
C CYS A 331 3.91 14.17 20.67
N CYS A 332 4.13 13.55 21.82
CA CYS A 332 3.06 12.84 22.52
C CYS A 332 2.71 13.54 23.83
N LYS A 333 3.28 14.71 24.04
CA LYS A 333 3.13 15.41 25.31
C LYS A 333 2.61 16.83 25.20
N ASN A 334 1.78 17.22 26.13
CA ASN A 334 1.41 18.61 26.28
C ASN A 334 2.62 19.43 26.69
N LEU A 335 2.47 20.73 26.70
CA LEU A 335 3.59 21.59 27.02
C LEU A 335 4.02 21.45 28.48
N ASP A 336 3.07 21.20 29.36
CA ASP A 336 3.39 20.92 30.76
C ASP A 336 4.27 19.70 31.01
N GLY A 337 4.24 18.75 30.11
CA GLY A 337 5.08 17.57 30.17
C GLY A 337 4.32 16.26 30.24
N SER A 338 3.00 16.33 30.41
CA SER A 338 2.18 15.13 30.52
C SER A 338 1.77 14.59 29.15
N LEU A 339 1.50 13.29 29.09
CA LEU A 339 1.06 12.66 27.86
C LEU A 339 -0.35 13.12 27.49
N VAL A 340 -0.61 13.27 26.19
CA VAL A 340 -1.90 13.75 25.72
C VAL A 340 -2.99 12.71 25.94
N GLY A 341 -2.59 11.45 26.07
CA GLY A 341 -3.53 10.37 26.32
C GLY A 341 -4.01 9.69 25.05
N ALA A 342 -4.21 8.38 25.13
CA ALA A 342 -4.69 7.61 24.00
C ALA A 342 -6.21 7.52 24.01
N TRP A 343 -6.78 7.17 22.87
CA TRP A 343 -8.23 6.97 22.76
C TRP A 343 -8.68 5.77 23.59
N THR A 344 -9.84 5.87 24.20
CA THR A 344 -10.43 4.75 24.91
C THR A 344 -11.07 3.79 23.92
N MET A 345 -10.52 2.58 23.83
CA MET A 345 -11.03 1.58 22.90
C MET A 345 -12.37 1.02 23.36
N LEU A 346 -12.86 0.01 22.66
CA LEU A 346 -14.13 -0.61 23.01
C LEU A 346 -13.93 -2.05 23.48
#